data_5KLH
#
_entry.id   5KLH
#
_cell.length_a   31.820
_cell.length_b   57.810
_cell.length_c   61.240
_cell.angle_alpha   73.550
_cell.angle_beta   76.430
_cell.angle_gamma   89.980
#
_symmetry.space_group_name_H-M   'P 1'
#
loop_
_entity.id
_entity.type
_entity.pdbx_description
1 polymer 'Surface glycoprotein'
2 non-polymer 'SULFATE ION'
3 water water
#
_entity_poly.entity_id   1
_entity_poly.type   'polypeptide(L)'
_entity_poly.pdbx_seq_one_letter_code
;GSAMGSSDDPRDNFKKAVSAFDPKPLESWTGTFSDVKATVRRQSLSVAGLGSIPSVYTEATVPVSGNTDGSQLVVKVNIN
TVAPFTRRSPLHATRERWFSCSSSQCSGYSRKCDCQEKHEQFRNKCYSQGGQYSTQSSKCRLGEKCGYCKQEVYLSKLYL
VAASDGKGEYRESTQYQSALYSFGHLSQGYEAVPQDKVQVQLYSEGDPFIALERETMGEGEFGVPNRTAAA
;
_entity_poly.pdbx_strand_id   A,B
#
# COMPACT_ATOMS: atom_id res chain seq x y z
N MET A 4 22.87 -7.14 34.55
CA MET A 4 22.98 -7.53 33.15
C MET A 4 23.43 -8.98 32.97
N GLY A 5 22.93 -9.64 31.93
CA GLY A 5 23.36 -10.98 31.57
C GLY A 5 23.30 -11.18 30.06
N SER A 6 24.14 -12.08 29.55
CA SER A 6 24.16 -12.44 28.14
C SER A 6 24.97 -13.72 27.98
N SER A 7 24.48 -14.64 27.15
CA SER A 7 25.17 -15.89 26.94
C SER A 7 26.20 -15.76 25.83
N ASP A 8 27.21 -16.63 25.86
CA ASP A 8 28.21 -16.68 24.79
C ASP A 8 27.67 -17.51 23.62
N ASP A 9 26.57 -18.21 23.86
CA ASP A 9 25.80 -18.88 22.81
C ASP A 9 24.73 -17.92 22.29
N PRO A 10 24.83 -17.53 21.00
CA PRO A 10 23.88 -16.60 20.38
C PRO A 10 22.44 -17.10 20.37
N ARG A 11 22.23 -18.40 20.52
CA ARG A 11 20.90 -18.99 20.43
C ARG A 11 20.28 -19.25 21.80
N ASP A 12 21.05 -19.01 22.86
CA ASP A 12 20.61 -19.34 24.20
C ASP A 12 19.36 -18.57 24.64
N ASN A 13 19.35 -17.25 24.41
CA ASN A 13 18.18 -16.43 24.73
C ASN A 13 16.94 -16.95 24.01
N PHE A 14 17.09 -17.26 22.73
CA PHE A 14 15.97 -17.80 21.97
C PHE A 14 15.47 -19.14 22.56
N LYS A 15 16.39 -20.05 22.86
CA LYS A 15 16.01 -21.35 23.44
C LYS A 15 15.28 -21.18 24.76
N LYS A 16 15.70 -20.21 25.57
CA LYS A 16 15.06 -20.01 26.84
C LYS A 16 13.62 -19.53 26.64
N ALA A 17 13.42 -18.68 25.63
CA ALA A 17 12.08 -18.19 25.30
C ALA A 17 11.18 -19.33 24.84
N VAL A 18 11.73 -20.22 24.03
CA VAL A 18 10.98 -21.37 23.54
C VAL A 18 10.54 -22.26 24.70
N SER A 19 11.46 -22.50 25.63
CA SER A 19 11.18 -23.33 26.79
C SER A 19 10.12 -22.72 27.71
N ALA A 20 10.15 -21.39 27.82
CA ALA A 20 9.20 -20.68 28.67
C ALA A 20 7.81 -20.47 28.04
N PHE A 21 7.70 -20.67 26.73
CA PHE A 21 6.47 -20.39 26.00
C PHE A 21 5.36 -21.36 26.40
N ASP A 22 4.25 -20.79 26.87
CA ASP A 22 3.06 -21.56 27.23
C ASP A 22 1.89 -21.09 26.36
N PRO A 23 1.58 -21.87 25.31
CA PRO A 23 0.52 -21.49 24.36
C PRO A 23 -0.89 -21.83 24.85
N LYS A 24 -0.99 -22.58 25.94
CA LYS A 24 -2.30 -23.01 26.43
C LYS A 24 -3.30 -21.88 26.65
N PRO A 25 -2.88 -20.78 27.29
CA PRO A 25 -3.86 -19.70 27.43
C PRO A 25 -4.30 -19.12 26.08
N LEU A 26 -3.44 -19.19 25.08
CA LEU A 26 -3.74 -18.57 23.79
C LEU A 26 -4.84 -19.29 23.02
N GLU A 27 -5.15 -20.53 23.43
CA GLU A 27 -6.25 -21.28 22.82
C GLU A 27 -7.59 -20.58 23.05
N SER A 28 -7.63 -19.78 24.11
CA SER A 28 -8.83 -19.04 24.44
C SER A 28 -8.91 -17.68 23.75
N TRP A 29 -8.01 -17.42 22.81
CA TRP A 29 -7.96 -16.09 22.17
C TRP A 29 -8.95 -15.97 21.00
N THR A 30 -10.19 -16.34 21.29
CA THR A 30 -11.28 -16.16 20.33
C THR A 30 -11.85 -14.76 20.50
N GLY A 31 -12.66 -14.33 19.54
CA GLY A 31 -13.24 -13.00 19.59
C GLY A 31 -13.32 -12.39 18.20
N THR A 32 -13.16 -11.07 18.11
CA THR A 32 -13.26 -10.38 16.83
C THR A 32 -12.18 -9.32 16.66
N PHE A 33 -11.87 -9.04 15.40
CA PHE A 33 -11.08 -7.87 15.02
C PHE A 33 -12.00 -7.00 14.17
N SER A 34 -12.34 -5.82 14.67
CA SER A 34 -13.29 -4.93 14.00
C SER A 34 -14.51 -5.72 13.48
N ASP A 35 -15.09 -6.50 14.39
CA ASP A 35 -16.28 -7.31 14.16
C ASP A 35 -16.09 -8.49 13.21
N VAL A 36 -14.86 -8.73 12.76
CA VAL A 36 -14.60 -9.96 12.00
C VAL A 36 -14.15 -11.07 12.92
N LYS A 37 -14.76 -12.26 12.80
CA LYS A 37 -14.45 -13.37 13.69
C LYS A 37 -12.98 -13.77 13.64
N ALA A 38 -12.34 -13.86 14.81
CA ALA A 38 -10.94 -14.25 14.90
C ALA A 38 -10.78 -15.77 14.94
N THR A 39 -9.61 -16.25 14.51
CA THR A 39 -9.31 -17.66 14.53
C THR A 39 -7.94 -17.85 15.14
N VAL A 40 -7.84 -18.67 16.18
CA VAL A 40 -6.54 -19.00 16.74
C VAL A 40 -5.80 -19.94 15.81
N ARG A 41 -4.56 -19.57 15.48
CA ARG A 41 -3.75 -20.31 14.53
C ARG A 41 -2.50 -20.84 15.20
N ARG A 42 -2.20 -22.10 14.97
N ARG A 42 -2.21 -22.12 15.01
CA ARG A 42 -0.97 -22.68 15.47
CA ARG A 42 -0.95 -22.68 15.46
C ARG A 42 -0.02 -22.95 14.30
C ARG A 42 -0.05 -22.90 14.26
N GLN A 43 1.10 -22.24 14.26
CA GLN A 43 2.06 -22.37 13.17
C GLN A 43 3.35 -22.98 13.73
N SER A 44 4.21 -23.42 12.82
CA SER A 44 5.51 -23.94 13.23
C SER A 44 6.59 -23.18 12.52
N LEU A 45 7.56 -22.72 13.29
CA LEU A 45 8.73 -22.08 12.71
C LEU A 45 9.77 -23.17 12.49
N SER A 46 10.57 -23.02 11.45
CA SER A 46 11.68 -23.94 11.27
C SER A 46 12.95 -23.17 11.49
N VAL A 47 13.69 -23.52 12.54
CA VAL A 47 14.95 -22.87 12.85
C VAL A 47 16.10 -23.85 12.73
N ALA A 48 17.04 -23.56 11.85
CA ALA A 48 18.17 -24.45 11.58
C ALA A 48 18.89 -24.83 12.88
N GLY A 49 19.00 -26.13 13.12
CA GLY A 49 19.69 -26.62 14.29
C GLY A 49 18.81 -26.78 15.50
N LEU A 50 17.62 -26.18 15.47
CA LEU A 50 16.72 -26.24 16.62
C LEU A 50 15.39 -26.89 16.27
N GLY A 51 15.12 -27.05 14.97
CA GLY A 51 13.96 -27.82 14.52
C GLY A 51 12.68 -27.00 14.42
N SER A 52 11.55 -27.68 14.54
CA SER A 52 10.25 -27.04 14.43
C SER A 52 9.82 -26.45 15.78
N ILE A 53 9.43 -25.17 15.76
CA ILE A 53 9.16 -24.40 16.98
C ILE A 53 7.73 -23.88 16.94
N PRO A 54 6.94 -24.15 17.99
CA PRO A 54 5.54 -23.69 17.99
C PRO A 54 5.40 -22.18 18.11
N SER A 55 4.33 -21.67 17.51
CA SER A 55 4.02 -20.24 17.55
C SER A 55 2.51 -20.18 17.43
N VAL A 56 1.88 -19.30 18.21
CA VAL A 56 0.43 -19.26 18.26
C VAL A 56 -0.04 -17.82 18.19
N TYR A 57 -0.96 -17.52 17.29
CA TYR A 57 -1.52 -16.17 17.21
C TYR A 57 -3.01 -16.27 16.93
N THR A 58 -3.74 -15.18 17.13
CA THR A 58 -5.11 -15.15 16.66
C THR A 58 -5.23 -14.11 15.55
N GLU A 59 -6.08 -14.37 14.56
CA GLU A 59 -6.07 -13.57 13.34
C GLU A 59 -7.44 -13.40 12.71
N ALA A 60 -7.59 -12.32 11.95
CA ALA A 60 -8.74 -12.15 11.10
C ALA A 60 -8.34 -11.24 9.95
N THR A 61 -9.00 -11.40 8.82
CA THR A 61 -8.81 -10.50 7.68
C THR A 61 -9.87 -9.41 7.76
N VAL A 62 -9.41 -8.17 7.89
CA VAL A 62 -10.31 -7.04 8.04
C VAL A 62 -10.42 -6.29 6.72
N PRO A 63 -11.65 -6.14 6.21
CA PRO A 63 -11.75 -5.38 4.96
C PRO A 63 -11.40 -3.91 5.20
N VAL A 64 -10.77 -3.27 4.21
CA VAL A 64 -10.50 -1.84 4.36
C VAL A 64 -11.80 -1.03 4.35
N SER A 65 -12.69 -1.38 3.43
CA SER A 65 -13.99 -0.73 3.34
C SER A 65 -14.81 -0.89 4.62
N GLY A 66 -15.21 0.24 5.19
CA GLY A 66 -15.98 0.23 6.43
C GLY A 66 -15.15 0.27 7.69
N ASN A 67 -13.82 0.19 7.53
CA ASN A 67 -12.92 0.20 8.67
C ASN A 67 -11.84 1.25 8.51
N THR A 68 -12.16 2.33 7.79
CA THR A 68 -11.21 3.44 7.62
C THR A 68 -11.61 4.69 8.38
N ASP A 69 -10.61 5.38 8.91
CA ASP A 69 -10.77 6.70 9.53
C ASP A 69 -9.77 7.59 8.86
N GLY A 70 -10.21 8.28 7.81
CA GLY A 70 -9.32 9.09 7.02
C GLY A 70 -8.35 8.20 6.26
N SER A 71 -7.07 8.29 6.63
CA SER A 71 -6.04 7.53 5.92
C SER A 71 -5.66 6.26 6.69
N GLN A 72 -6.32 6.04 7.83
CA GLN A 72 -5.95 4.97 8.76
C GLN A 72 -6.94 3.82 8.72
N LEU A 73 -6.40 2.61 8.78
CA LEU A 73 -7.22 1.45 9.08
C LEU A 73 -7.44 1.44 10.59
N VAL A 74 -8.67 1.18 11.01
CA VAL A 74 -9.04 1.15 12.42
C VAL A 74 -9.31 -0.28 12.83
N VAL A 75 -8.44 -0.83 13.67
CA VAL A 75 -8.56 -2.21 14.09
C VAL A 75 -8.96 -2.24 15.57
N LYS A 76 -10.21 -2.65 15.82
CA LYS A 76 -10.70 -2.78 17.19
C LYS A 76 -10.53 -4.21 17.67
N VAL A 77 -9.59 -4.39 18.59
CA VAL A 77 -9.23 -5.72 19.06
C VAL A 77 -10.16 -6.09 20.22
N ASN A 78 -10.97 -7.12 20.02
CA ASN A 78 -11.89 -7.59 21.05
C ASN A 78 -11.73 -9.10 21.22
N ILE A 79 -10.66 -9.46 21.91
CA ILE A 79 -10.22 -10.84 22.04
C ILE A 79 -10.37 -11.28 23.48
N ASN A 80 -11.00 -12.43 23.69
CA ASN A 80 -11.16 -13.03 25.01
C ASN A 80 -9.82 -13.05 25.75
N THR A 81 -9.84 -12.51 26.98
CA THR A 81 -8.72 -12.41 27.92
C THR A 81 -7.73 -11.30 27.59
N VAL A 82 -7.95 -10.56 26.50
CA VAL A 82 -7.11 -9.41 26.18
C VAL A 82 -7.89 -8.11 26.40
N ALA A 83 -7.41 -7.24 27.30
CA ALA A 83 -8.08 -5.95 27.49
C ALA A 83 -8.25 -5.25 26.14
N PRO A 84 -9.50 -4.87 25.80
CA PRO A 84 -9.71 -4.31 24.47
C PRO A 84 -8.82 -3.09 24.18
N PHE A 85 -8.40 -3.00 22.92
CA PHE A 85 -7.65 -1.83 22.48
C PHE A 85 -7.84 -1.63 21.00
N THR A 86 -7.57 -0.41 20.54
CA THR A 86 -7.62 -0.08 19.13
C THR A 86 -6.23 0.23 18.60
N ARG A 87 -5.94 -0.27 17.40
CA ARG A 87 -4.78 0.21 16.66
C ARG A 87 -5.27 0.87 15.39
N ARG A 88 -4.85 2.11 15.20
CA ARG A 88 -4.93 2.77 13.92
C ARG A 88 -3.58 2.69 13.21
N SER A 89 -3.57 2.27 11.96
CA SER A 89 -2.33 2.12 11.22
C SER A 89 -2.58 2.68 9.83
N PRO A 90 -1.59 3.40 9.26
CA PRO A 90 -1.84 4.02 7.97
C PRO A 90 -2.00 2.98 6.85
N LEU A 91 -3.03 3.14 6.02
CA LEU A 91 -3.23 2.26 4.85
C LEU A 91 -2.08 2.38 3.87
N HIS A 92 -1.51 3.57 3.80
CA HIS A 92 -0.40 3.84 2.90
C HIS A 92 0.65 4.64 3.63
N ALA A 93 1.90 4.28 3.45
CA ALA A 93 2.98 5.08 4.01
C ALA A 93 4.00 5.41 2.95
N THR A 94 4.61 6.58 3.13
CA THR A 94 5.72 6.99 2.30
C THR A 94 6.99 6.78 3.12
N ARG A 95 7.71 5.71 2.82
CA ARG A 95 8.88 5.34 3.59
C ARG A 95 10.11 6.11 3.08
N GLU A 96 10.75 6.86 3.97
CA GLU A 96 11.93 7.61 3.58
C GLU A 96 13.16 6.98 4.22
N ARG A 97 14.11 6.54 3.40
CA ARG A 97 15.39 6.07 3.95
C ARG A 97 16.47 7.11 3.65
N TRP A 98 16.98 7.73 4.71
CA TRP A 98 17.89 8.86 4.60
C TRP A 98 19.36 8.44 4.60
N PHE A 99 20.15 9.16 3.83
CA PHE A 99 21.61 9.04 3.91
C PHE A 99 22.14 10.16 4.79
N SER A 100 22.77 9.77 5.90
CA SER A 100 23.41 10.71 6.81
C SER A 100 24.91 10.51 6.69
N CYS A 101 25.66 11.59 6.50
CA CYS A 101 27.11 11.45 6.36
C CYS A 101 27.70 11.25 7.74
N SER A 102 28.31 10.08 7.94
CA SER A 102 28.94 9.72 9.20
C SER A 102 30.41 9.43 8.95
N SER A 103 31.21 9.34 10.00
CA SER A 103 32.65 9.10 9.82
C SER A 103 32.90 7.82 9.05
N SER A 104 32.03 6.82 9.24
CA SER A 104 32.23 5.49 8.65
C SER A 104 32.25 5.53 7.13
N GLN A 105 31.55 6.50 6.53
CA GLN A 105 31.53 6.60 5.08
C GLN A 105 32.09 7.91 4.56
N CYS A 106 32.91 8.56 5.39
CA CYS A 106 33.41 9.91 5.12
C CYS A 106 34.81 9.83 4.53
N SER A 107 35.05 10.56 3.45
CA SER A 107 36.36 10.59 2.79
C SER A 107 37.10 11.89 3.06
N GLY A 108 38.37 11.78 3.43
CA GLY A 108 39.17 12.95 3.76
C GLY A 108 39.64 13.01 5.19
N TYR A 109 40.13 14.17 5.60
CA TYR A 109 40.58 14.35 6.97
C TYR A 109 39.38 14.45 7.88
N SER A 110 39.43 13.70 8.97
CA SER A 110 38.32 13.50 9.89
C SER A 110 37.40 14.70 10.02
N ARG A 111 37.93 15.79 10.56
CA ARG A 111 37.15 16.98 10.84
C ARG A 111 36.58 17.68 9.61
N LYS A 112 37.11 17.36 8.43
CA LYS A 112 36.79 18.08 7.20
C LYS A 112 36.38 17.14 6.06
N CYS A 113 35.99 15.93 6.40
CA CYS A 113 35.64 14.95 5.38
C CYS A 113 34.23 15.16 4.82
N ASP A 114 33.94 14.51 3.69
CA ASP A 114 32.58 14.47 3.17
C ASP A 114 32.27 13.08 2.66
N CYS A 115 30.98 12.78 2.49
CA CYS A 115 30.55 11.46 2.03
C CYS A 115 30.04 11.42 0.60
N GLN A 116 30.56 12.30 -0.26
CA GLN A 116 29.99 12.41 -1.60
C GLN A 116 29.97 11.11 -2.37
N GLU A 117 31.07 10.36 -2.36
CA GLU A 117 31.08 9.12 -3.14
C GLU A 117 30.07 8.10 -2.64
N LYS A 118 30.00 7.91 -1.32
CA LYS A 118 29.05 6.97 -0.74
C LYS A 118 27.61 7.44 -0.92
N HIS A 119 27.40 8.75 -0.86
CA HIS A 119 26.06 9.31 -1.10
C HIS A 119 25.62 9.02 -2.53
N GLU A 120 26.52 9.27 -3.48
CA GLU A 120 26.25 9.02 -4.89
C GLU A 120 25.86 7.57 -5.13
N GLN A 121 26.56 6.66 -4.46
CA GLN A 121 26.26 5.24 -4.56
C GLN A 121 24.86 4.93 -4.02
N PHE A 122 24.56 5.50 -2.86
CA PHE A 122 23.26 5.34 -2.22
C PHE A 122 22.13 5.87 -3.09
N ARG A 123 22.38 7.00 -3.74
CA ARG A 123 21.37 7.60 -4.62
C ARG A 123 21.14 6.73 -5.85
N ASN A 124 22.23 6.24 -6.44
CA ASN A 124 22.12 5.36 -7.60
C ASN A 124 21.43 4.06 -7.23
N LYS A 125 21.68 3.58 -6.01
CA LYS A 125 21.07 2.35 -5.53
C LYS A 125 19.56 2.52 -5.42
N CYS A 126 19.15 3.69 -4.92
CA CYS A 126 17.74 4.00 -4.80
C CYS A 126 17.00 3.79 -6.12
N TYR A 127 17.50 4.43 -7.17
CA TYR A 127 16.90 4.32 -8.49
C TYR A 127 16.89 2.88 -9.01
N SER A 128 17.94 2.13 -8.71
CA SER A 128 17.99 0.73 -9.11
C SER A 128 16.92 -0.11 -8.41
N GLN A 129 16.47 0.36 -7.25
CA GLN A 129 15.48 -0.37 -6.47
C GLN A 129 14.07 0.15 -6.75
N GLY A 130 13.96 1.03 -7.74
CA GLY A 130 12.67 1.55 -8.14
C GLY A 130 12.18 2.69 -7.29
N GLY A 131 13.07 3.25 -6.49
CA GLY A 131 12.70 4.38 -5.65
C GLY A 131 12.80 5.69 -6.38
N GLN A 132 12.41 6.76 -5.69
CA GLN A 132 12.68 8.12 -6.14
C GLN A 132 13.59 8.77 -5.13
N TYR A 133 14.54 9.57 -5.59
CA TYR A 133 15.50 10.19 -4.68
C TYR A 133 15.27 11.68 -4.53
N SER A 134 15.49 12.18 -3.32
CA SER A 134 15.48 13.60 -3.06
C SER A 134 16.83 13.99 -2.49
N THR A 135 17.59 14.79 -3.22
CA THR A 135 18.90 15.24 -2.76
C THR A 135 18.75 16.49 -1.93
N GLN A 136 19.33 16.49 -0.73
CA GLN A 136 19.22 17.63 0.18
C GLN A 136 20.52 18.38 0.32
N SER A 137 21.64 17.67 0.30
CA SER A 137 22.94 18.31 0.38
C SER A 137 23.93 17.64 -0.56
N SER A 138 24.35 18.37 -1.59
CA SER A 138 25.26 17.82 -2.58
C SER A 138 26.67 17.68 -2.03
N LYS A 139 27.11 18.65 -1.24
CA LYS A 139 28.45 18.60 -0.67
C LYS A 139 28.56 17.47 0.36
N CYS A 140 27.42 17.11 0.95
CA CYS A 140 27.31 15.98 1.88
C CYS A 140 28.48 15.89 2.87
N ARG A 141 28.66 16.96 3.66
CA ARG A 141 29.74 17.04 4.64
C ARG A 141 29.41 16.21 5.86
N LEU A 142 30.42 15.94 6.69
CA LEU A 142 30.24 15.19 7.93
C LEU A 142 29.05 15.73 8.72
N GLY A 143 28.14 14.83 9.08
CA GLY A 143 27.02 15.21 9.93
C GLY A 143 25.77 15.65 9.18
N GLU A 144 25.89 15.85 7.87
CA GLU A 144 24.74 16.30 7.08
C GLU A 144 23.78 15.18 6.70
N LYS A 145 22.50 15.52 6.63
CA LYS A 145 21.52 14.64 6.00
C LYS A 145 21.51 14.97 4.52
N CYS A 146 22.06 14.08 3.71
CA CYS A 146 22.38 14.43 2.33
C CYS A 146 21.23 14.21 1.36
N GLY A 147 20.36 13.27 1.68
CA GLY A 147 19.21 13.00 0.83
C GLY A 147 18.47 11.78 1.31
N TYR A 148 17.41 11.41 0.60
CA TYR A 148 16.65 10.23 1.01
C TYR A 148 15.98 9.53 -0.15
N CYS A 149 15.94 8.21 -0.03
CA CYS A 149 15.24 7.37 -0.98
C CYS A 149 13.81 7.18 -0.53
N LYS A 150 12.89 7.30 -1.47
CA LYS A 150 11.47 7.26 -1.14
C LYS A 150 10.78 6.07 -1.79
N GLN A 151 10.05 5.29 -0.98
CA GLN A 151 9.27 4.18 -1.48
C GLN A 151 7.84 4.27 -0.99
N GLU A 152 6.88 3.97 -1.86
CA GLU A 152 5.47 3.94 -1.46
C GLU A 152 5.03 2.53 -1.11
N VAL A 153 4.48 2.37 0.09
CA VAL A 153 4.04 1.07 0.57
C VAL A 153 2.61 1.09 1.11
N TYR A 154 1.97 -0.07 1.08
CA TYR A 154 0.59 -0.18 1.53
C TYR A 154 0.42 -1.33 2.50
N LEU A 155 -0.23 -1.05 3.62
CA LEU A 155 -0.45 -2.06 4.66
C LEU A 155 -1.19 -3.29 4.14
N SER A 156 -0.63 -4.46 4.45
CA SER A 156 -1.21 -5.73 4.02
C SER A 156 -1.38 -6.68 5.20
N LYS A 157 -0.43 -6.63 6.12
CA LYS A 157 -0.43 -7.51 7.29
C LYS A 157 -0.07 -6.66 8.50
N LEU A 158 -0.96 -6.60 9.48
CA LEU A 158 -0.74 -5.80 10.67
C LEU A 158 -0.46 -6.75 11.83
N TYR A 159 0.70 -6.60 12.47
CA TYR A 159 1.09 -7.46 13.60
C TYR A 159 0.92 -6.74 14.91
N LEU A 160 0.15 -7.32 15.83
CA LEU A 160 -0.10 -6.69 17.13
C LEU A 160 0.42 -7.60 18.23
N VAL A 161 0.77 -7.03 19.38
CA VAL A 161 1.31 -7.83 20.48
C VAL A 161 0.62 -7.53 21.80
N ALA A 162 0.25 -8.59 22.50
CA ALA A 162 -0.30 -8.46 23.86
C ALA A 162 0.69 -9.00 24.89
N ALA A 163 0.72 -8.35 26.05
CA ALA A 163 1.54 -8.74 27.19
C ALA A 163 0.67 -9.19 28.36
N SER A 164 1.18 -10.11 29.17
CA SER A 164 0.48 -10.45 30.42
C SER A 164 0.29 -9.23 31.30
N ASP A 165 -0.86 -9.13 31.94
CA ASP A 165 -0.99 -8.21 33.06
C ASP A 165 -0.48 -8.96 34.31
N GLY A 166 -0.71 -8.43 35.49
CA GLY A 166 -0.28 -9.15 36.67
C GLY A 166 -1.21 -10.30 37.02
N LYS A 167 -2.31 -10.40 36.29
CA LYS A 167 -3.50 -11.09 36.80
C LYS A 167 -4.03 -12.22 35.92
N GLY A 168 -3.19 -12.80 35.06
CA GLY A 168 -3.61 -13.95 34.29
C GLY A 168 -4.33 -13.65 32.98
N GLU A 169 -4.43 -12.37 32.65
CA GLU A 169 -4.96 -11.95 31.37
C GLU A 169 -3.92 -11.12 30.63
N TYR A 170 -4.36 -10.38 29.62
CA TYR A 170 -3.44 -9.68 28.70
C TYR A 170 -3.92 -8.26 28.40
N ARG A 171 -2.98 -7.43 27.92
CA ARG A 171 -3.26 -6.04 27.51
C ARG A 171 -2.27 -5.72 26.41
N GLU A 172 -2.50 -4.64 25.65
CA GLU A 172 -1.54 -4.36 24.58
C GLU A 172 -0.16 -4.16 25.16
N SER A 173 0.81 -4.79 24.50
CA SER A 173 2.22 -4.62 24.85
C SER A 173 2.64 -3.16 24.82
N THR A 174 3.44 -2.81 25.82
CA THR A 174 4.12 -1.52 25.89
C THR A 174 5.36 -1.52 25.01
N GLN A 175 6.13 -2.61 25.06
CA GLN A 175 7.43 -2.63 24.43
C GLN A 175 7.34 -2.99 22.94
N TYR A 176 6.42 -3.87 22.59
CA TYR A 176 6.34 -4.31 21.19
C TYR A 176 5.12 -3.71 20.50
N GLN A 177 5.36 -2.82 19.54
CA GLN A 177 4.27 -2.21 18.78
C GLN A 177 4.03 -3.01 17.51
N SER A 178 4.92 -3.97 17.26
CA SER A 178 4.74 -4.96 16.22
C SER A 178 5.44 -6.25 16.63
N ALA A 179 4.99 -7.37 16.07
CA ALA A 179 5.71 -8.64 16.29
C ALA A 179 6.93 -8.74 15.39
N LEU A 180 6.99 -7.92 14.34
CA LEU A 180 8.13 -7.95 13.43
C LEU A 180 9.27 -7.02 13.87
N TYR A 181 10.50 -7.50 13.78
CA TYR A 181 11.67 -6.65 13.98
C TYR A 181 11.57 -5.46 13.02
N SER A 182 11.87 -4.23 13.47
CA SER A 182 12.40 -3.92 14.80
C SER A 182 11.35 -3.49 15.84
N PHE A 183 10.12 -3.97 15.67
CA PHE A 183 9.08 -3.89 16.69
C PHE A 183 8.45 -2.51 16.90
N GLY A 184 8.71 -1.57 16.00
CA GLY A 184 8.04 -0.28 16.02
C GLY A 184 6.68 -0.32 15.34
N HIS A 185 5.92 0.76 15.45
CA HIS A 185 4.53 0.72 14.99
C HIS A 185 4.41 0.57 13.49
N LEU A 186 5.45 0.96 12.75
CA LEU A 186 5.42 0.79 11.29
C LEU A 186 6.24 -0.40 10.81
N SER A 187 6.59 -1.30 11.73
CA SER A 187 7.29 -2.53 11.36
C SER A 187 6.26 -3.58 10.95
N GLN A 188 5.61 -3.35 9.81
CA GLN A 188 4.47 -4.17 9.42
C GLN A 188 4.67 -4.84 8.07
N GLY A 189 3.66 -5.57 7.62
CA GLY A 189 3.73 -6.24 6.34
C GLY A 189 3.16 -5.31 5.29
N TYR A 190 3.98 -4.98 4.30
CA TYR A 190 3.58 -4.01 3.26
C TYR A 190 3.65 -4.59 1.88
N GLU A 191 2.85 -3.99 0.98
CA GLU A 191 2.89 -4.34 -0.44
C GLU A 191 3.04 -3.08 -1.29
N ALA A 192 3.27 -3.28 -2.59
CA ALA A 192 3.58 -2.17 -3.47
C ALA A 192 2.36 -1.44 -4.03
N VAL A 193 1.18 -2.01 -3.83
CA VAL A 193 -0.05 -1.42 -4.38
C VAL A 193 -1.14 -1.45 -3.33
N PRO A 194 -2.17 -0.61 -3.50
CA PRO A 194 -3.26 -0.57 -2.53
C PRO A 194 -3.92 -1.93 -2.29
N GLN A 195 -4.30 -2.17 -1.04
CA GLN A 195 -4.93 -3.41 -0.63
C GLN A 195 -6.42 -3.20 -0.32
N ASP A 196 -7.27 -4.20 -0.56
CA ASP A 196 -8.69 -4.04 -0.19
C ASP A 196 -8.99 -4.69 1.15
N LYS A 197 -7.99 -5.38 1.71
CA LYS A 197 -8.14 -5.98 3.04
C LYS A 197 -6.78 -6.16 3.69
N VAL A 198 -6.79 -6.24 5.03
CA VAL A 198 -5.58 -6.37 5.81
C VAL A 198 -5.67 -7.55 6.76
N GLN A 199 -4.69 -8.44 6.73
CA GLN A 199 -4.61 -9.52 7.71
C GLN A 199 -4.06 -9.01 9.03
N VAL A 200 -4.81 -9.22 10.11
CA VAL A 200 -4.39 -8.78 11.44
C VAL A 200 -4.02 -10.02 12.25
N GLN A 201 -2.82 -10.01 12.82
CA GLN A 201 -2.35 -11.11 13.66
C GLN A 201 -1.96 -10.60 15.04
N LEU A 202 -2.53 -11.22 16.08
CA LEU A 202 -2.19 -10.83 17.46
C LEU A 202 -1.37 -11.93 18.12
N TYR A 203 -0.15 -11.59 18.51
CA TYR A 203 0.78 -12.48 19.22
C TYR A 203 0.85 -12.14 20.69
N SER A 204 1.31 -13.10 21.49
CA SER A 204 1.71 -12.77 22.85
C SER A 204 3.20 -12.42 22.84
N GLU A 205 3.61 -11.57 23.78
CA GLU A 205 4.99 -11.12 23.89
C GLU A 205 6.00 -12.25 23.92
N GLY A 206 5.67 -13.33 24.61
CA GLY A 206 6.63 -14.42 24.73
C GLY A 206 6.63 -15.41 23.58
N ASP A 207 5.93 -15.10 22.49
CA ASP A 207 5.89 -16.04 21.37
C ASP A 207 7.26 -16.25 20.74
N PRO A 208 7.57 -17.49 20.34
CA PRO A 208 8.86 -17.72 19.71
C PRO A 208 9.04 -16.95 18.39
N PHE A 209 7.93 -16.60 17.74
CA PHE A 209 8.04 -15.77 16.53
C PHE A 209 8.72 -14.44 16.86
N ILE A 210 8.30 -13.83 17.96
CA ILE A 210 8.87 -12.54 18.37
C ILE A 210 10.30 -12.74 18.87
N ALA A 211 10.52 -13.78 19.68
CA ALA A 211 11.88 -14.11 20.13
C ALA A 211 12.85 -14.33 18.97
N LEU A 212 12.42 -15.06 17.94
CA LEU A 212 13.25 -15.29 16.77
C LEU A 212 13.54 -13.98 16.04
N GLU A 213 12.51 -13.14 15.87
CA GLU A 213 12.68 -11.85 15.23
C GLU A 213 13.73 -11.04 15.96
N ARG A 214 13.65 -11.07 17.28
CA ARG A 214 14.58 -10.30 18.11
C ARG A 214 15.99 -10.82 18.01
N GLU A 215 16.14 -12.12 18.26
CA GLU A 215 17.47 -12.71 18.44
C GLU A 215 18.21 -12.91 17.12
N THR A 216 17.48 -12.84 16.01
CA THR A 216 18.11 -12.89 14.70
C THR A 216 18.07 -11.55 13.97
N MET A 217 17.67 -10.50 14.68
CA MET A 217 17.52 -9.17 14.07
C MET A 217 16.76 -9.18 12.74
N GLY A 218 15.63 -9.86 12.72
CA GLY A 218 14.74 -9.83 11.57
C GLY A 218 15.09 -10.80 10.46
N GLU A 219 16.24 -11.45 10.58
CA GLU A 219 16.74 -12.31 9.52
C GLU A 219 16.00 -13.65 9.49
N GLY A 220 15.54 -14.12 10.64
CA GLY A 220 14.79 -15.36 10.71
C GLY A 220 15.66 -16.57 10.94
N GLU A 221 16.96 -16.34 10.94
CA GLU A 221 17.93 -17.39 11.21
C GLU A 221 19.17 -16.82 11.86
N PHE A 222 19.91 -17.66 12.56
CA PHE A 222 21.14 -17.22 13.19
C PHE A 222 22.31 -17.30 12.19
N GLY A 223 23.44 -16.72 12.54
CA GLY A 223 24.54 -16.57 11.58
C GLY A 223 24.65 -15.12 11.13
N VAL A 224 25.76 -14.76 10.48
CA VAL A 224 25.99 -13.38 10.04
C VAL A 224 24.90 -12.87 9.10
N ASP B 8 3.45 12.82 9.34
CA ASP B 8 3.57 13.24 7.95
C ASP B 8 2.28 12.95 7.19
N ASP B 9 1.31 13.86 7.26
CA ASP B 9 0.00 13.64 6.68
C ASP B 9 0.08 13.55 5.15
N PRO B 10 -0.95 13.00 4.51
CA PRO B 10 -0.92 12.83 3.05
C PRO B 10 -0.67 14.13 2.28
N ARG B 11 -1.24 15.27 2.70
CA ARG B 11 -1.01 16.50 1.92
C ARG B 11 0.45 16.96 2.03
N ASP B 12 1.06 16.74 3.19
CA ASP B 12 2.47 17.12 3.35
C ASP B 12 3.35 16.27 2.43
N ASN B 13 3.03 15.00 2.30
CA ASN B 13 3.75 14.15 1.37
C ASN B 13 3.42 14.48 -0.09
N PHE B 14 2.17 14.87 -0.37
CA PHE B 14 1.85 15.35 -1.71
C PHE B 14 2.66 16.60 -2.05
N LYS B 15 2.82 17.52 -1.08
CA LYS B 15 3.58 18.73 -1.36
C LYS B 15 5.04 18.41 -1.70
N LYS B 16 5.60 17.39 -1.06
CA LYS B 16 6.97 17.00 -1.39
C LYS B 16 7.06 16.48 -2.83
N ALA B 17 6.02 15.76 -3.25
CA ALA B 17 5.99 15.25 -4.62
C ALA B 17 5.92 16.40 -5.61
N VAL B 18 5.10 17.40 -5.29
CA VAL B 18 5.05 18.59 -6.13
C VAL B 18 6.41 19.28 -6.19
N SER B 19 7.08 19.46 -5.05
CA SER B 19 8.38 20.12 -5.00
C SER B 19 9.46 19.38 -5.77
N ALA B 20 9.38 18.05 -5.77
CA ALA B 20 10.36 17.20 -6.44
C ALA B 20 10.14 17.05 -7.94
N PHE B 21 8.95 17.39 -8.42
CA PHE B 21 8.61 17.13 -9.81
C PHE B 21 9.41 18.00 -10.76
N ASP B 22 9.99 17.35 -11.77
CA ASP B 22 10.83 17.98 -12.78
C ASP B 22 10.22 17.73 -14.15
N PRO B 23 9.45 18.71 -14.68
CA PRO B 23 8.75 18.49 -15.93
C PRO B 23 9.64 18.59 -17.16
N LYS B 24 10.80 19.25 -17.06
CA LYS B 24 11.70 19.41 -18.21
C LYS B 24 11.96 18.11 -18.99
N PRO B 25 12.38 17.03 -18.33
CA PRO B 25 12.68 15.83 -19.14
C PRO B 25 11.47 15.30 -19.90
N LEU B 26 10.28 15.65 -19.44
CA LEU B 26 9.07 15.08 -20.03
C LEU B 26 8.70 15.71 -21.36
N GLU B 27 9.32 16.85 -21.71
CA GLU B 27 9.00 17.43 -23.01
C GLU B 27 9.82 16.76 -24.11
N SER B 28 10.65 15.80 -23.72
CA SER B 28 11.31 14.92 -24.67
C SER B 28 10.47 13.69 -24.96
N TRP B 29 9.23 13.67 -24.46
CA TRP B 29 8.38 12.47 -24.58
C TRP B 29 7.55 12.52 -25.85
N THR B 30 8.23 12.76 -26.96
CA THR B 30 7.63 12.61 -28.26
C THR B 30 7.74 11.18 -28.72
N GLY B 31 6.95 10.84 -29.74
CA GLY B 31 6.96 9.49 -30.27
C GLY B 31 5.58 9.06 -30.69
N THR B 32 5.30 7.77 -30.57
CA THR B 32 3.99 7.26 -30.98
C THR B 32 3.37 6.27 -30.00
N PHE B 33 2.04 6.19 -30.06
CA PHE B 33 1.28 5.09 -29.47
C PHE B 33 0.63 4.31 -30.61
N SER B 34 1.04 3.07 -30.82
CA SER B 34 0.57 2.26 -31.95
C SER B 34 0.62 3.07 -33.25
N ASP B 35 1.77 3.70 -33.45
CA ASP B 35 2.09 4.50 -34.63
C ASP B 35 1.28 5.80 -34.74
N VAL B 36 0.43 6.11 -33.75
CA VAL B 36 -0.26 7.39 -33.69
C VAL B 36 0.63 8.42 -33.02
N LYS B 37 0.89 9.55 -33.70
CA LYS B 37 1.73 10.62 -33.15
C LYS B 37 1.27 11.01 -31.77
N ALA B 38 2.21 11.01 -30.83
CA ALA B 38 1.94 11.45 -29.46
C ALA B 38 2.29 12.93 -29.33
N THR B 39 1.60 13.59 -28.41
CA THR B 39 1.84 15.01 -28.14
C THR B 39 1.97 15.22 -26.64
N VAL B 40 3.03 15.91 -26.25
CA VAL B 40 3.25 16.22 -24.84
C VAL B 40 2.25 17.27 -24.38
N ARG B 41 1.60 17.03 -23.25
CA ARG B 41 0.57 17.93 -22.73
C ARG B 41 0.93 18.38 -21.33
N ARG B 42 0.78 19.68 -21.07
CA ARG B 42 1.06 20.21 -19.76
C ARG B 42 -0.23 20.76 -19.16
N GLN B 43 -0.49 20.45 -17.90
CA GLN B 43 -1.67 20.97 -17.23
C GLN B 43 -1.29 21.53 -15.88
N SER B 44 -2.17 22.34 -15.31
CA SER B 44 -2.10 22.68 -13.89
C SER B 44 -3.20 21.92 -13.20
N LEU B 45 -2.89 21.28 -12.08
CA LEU B 45 -3.91 20.59 -11.32
C LEU B 45 -4.49 21.54 -10.29
N SER B 46 -5.81 21.72 -10.29
CA SER B 46 -6.40 22.63 -9.31
C SER B 46 -6.66 21.89 -8.02
N VAL B 47 -5.81 22.13 -7.01
CA VAL B 47 -6.00 21.51 -5.70
C VAL B 47 -6.23 22.57 -4.64
N ALA B 48 -7.40 22.52 -4.02
CA ALA B 48 -7.80 23.48 -2.99
C ALA B 48 -6.78 23.60 -1.87
N GLY B 49 -6.43 24.82 -1.52
CA GLY B 49 -5.55 25.04 -0.39
C GLY B 49 -4.08 24.86 -0.70
N LEU B 50 -3.76 24.68 -1.98
CA LEU B 50 -2.36 24.57 -2.40
C LEU B 50 -2.09 25.48 -3.59
N GLY B 51 -0.82 25.72 -3.86
CA GLY B 51 -0.41 26.55 -4.97
C GLY B 51 -0.43 25.85 -6.32
N SER B 52 0.32 26.42 -7.27
CA SER B 52 0.43 25.87 -8.62
C SER B 52 1.01 24.47 -8.60
N ILE B 53 0.32 23.56 -9.30
CA ILE B 53 0.76 22.18 -9.40
C ILE B 53 0.81 21.74 -10.85
N PRO B 54 2.03 21.54 -11.39
CA PRO B 54 2.13 21.13 -12.79
C PRO B 54 1.94 19.62 -12.96
N SER B 55 1.55 19.22 -14.16
CA SER B 55 1.40 17.81 -14.51
C SER B 55 1.72 17.68 -15.99
N VAL B 56 2.52 16.69 -16.36
CA VAL B 56 2.95 16.59 -17.74
C VAL B 56 2.90 15.14 -18.22
N TYR B 57 2.25 14.93 -19.35
CA TYR B 57 2.09 13.58 -19.85
C TYR B 57 2.15 13.64 -21.35
N THR B 58 2.25 12.50 -21.99
CA THR B 58 2.23 12.50 -23.44
C THR B 58 1.05 11.64 -23.84
N GLU B 59 0.41 11.99 -24.95
CA GLU B 59 -0.93 11.49 -25.22
C GLU B 59 -1.25 11.29 -26.69
N ALA B 60 -1.98 10.23 -27.01
CA ALA B 60 -2.52 10.06 -28.36
C ALA B 60 -3.89 9.39 -28.26
N THR B 61 -4.78 9.66 -29.21
CA THR B 61 -6.05 8.94 -29.27
C THR B 61 -5.91 7.81 -30.28
N VAL B 62 -6.06 6.59 -29.79
CA VAL B 62 -5.86 5.38 -30.60
C VAL B 62 -7.20 4.80 -31.03
N PRO B 63 -7.46 4.71 -32.34
CA PRO B 63 -8.74 4.12 -32.74
C PRO B 63 -8.80 2.62 -32.43
N VAL B 64 -9.98 2.09 -32.10
CA VAL B 64 -10.09 0.68 -31.81
C VAL B 64 -9.82 -0.11 -33.09
N SER B 65 -10.35 0.40 -34.20
CA SER B 65 -10.14 -0.23 -35.50
C SER B 65 -8.65 -0.26 -35.85
N GLY B 66 -8.16 -1.46 -36.14
CA GLY B 66 -6.76 -1.65 -36.50
C GLY B 66 -5.84 -1.84 -35.32
N ASN B 67 -6.37 -1.66 -34.11
CA ASN B 67 -5.55 -1.80 -32.90
C ASN B 67 -6.13 -2.77 -31.89
N THR B 68 -6.83 -3.78 -32.39
CA THR B 68 -7.52 -4.71 -31.51
C THR B 68 -7.31 -6.16 -31.93
N ASP B 69 -7.21 -7.08 -30.96
CA ASP B 69 -7.19 -8.51 -31.32
C ASP B 69 -8.61 -9.09 -31.28
N GLY B 70 -9.59 -8.21 -31.07
CA GLY B 70 -10.98 -8.60 -30.93
C GLY B 70 -11.53 -8.29 -29.55
N SER B 71 -10.68 -8.35 -28.53
CA SER B 71 -11.12 -8.08 -27.17
C SER B 71 -10.21 -7.10 -26.43
N GLN B 72 -8.94 -7.05 -26.83
CA GLN B 72 -7.97 -6.15 -26.17
C GLN B 72 -7.55 -5.03 -27.09
N LEU B 73 -7.42 -3.83 -26.53
CA LEU B 73 -6.73 -2.76 -27.25
C LEU B 73 -5.27 -3.05 -27.15
N VAL B 74 -4.55 -2.99 -28.27
CA VAL B 74 -3.12 -3.26 -28.25
C VAL B 74 -2.36 -1.97 -28.47
N VAL B 75 -1.67 -1.50 -27.43
CA VAL B 75 -0.99 -0.22 -27.50
C VAL B 75 0.53 -0.36 -27.45
N LYS B 76 1.18 -0.09 -28.57
CA LYS B 76 2.64 -0.17 -28.62
C LYS B 76 3.22 1.21 -28.34
N VAL B 77 3.83 1.33 -27.16
CA VAL B 77 4.39 2.58 -26.70
C VAL B 77 5.82 2.75 -27.21
N ASN B 78 6.03 3.75 -28.06
CA ASN B 78 7.37 4.05 -28.57
C ASN B 78 7.62 5.54 -28.36
N ILE B 79 7.93 5.87 -27.13
CA ILE B 79 8.13 7.25 -26.71
C ILE B 79 9.62 7.47 -26.43
N ASN B 80 10.17 8.56 -26.94
CA ASN B 80 11.59 8.89 -26.75
C ASN B 80 11.97 8.93 -25.26
N THR B 81 13.11 8.31 -24.95
CA THR B 81 13.65 8.09 -23.59
C THR B 81 12.88 7.05 -22.78
N VAL B 82 11.83 6.47 -23.35
CA VAL B 82 11.09 5.41 -22.65
C VAL B 82 11.29 4.08 -23.36
N ALA B 83 11.82 3.09 -22.64
CA ALA B 83 12.02 1.76 -23.22
C ALA B 83 10.72 1.26 -23.83
N PRO B 84 10.75 0.77 -25.07
CA PRO B 84 9.47 0.40 -25.67
C PRO B 84 8.77 -0.73 -24.91
N PHE B 85 7.44 -0.65 -24.84
CA PHE B 85 6.66 -1.71 -24.23
C PHE B 85 5.26 -1.72 -24.84
N THR B 86 4.56 -2.83 -24.70
CA THR B 86 3.21 -2.96 -25.21
C THR B 86 2.24 -3.17 -24.07
N ARG B 87 1.14 -2.41 -24.07
CA ARG B 87 0.04 -2.69 -23.16
C ARG B 87 -1.15 -3.27 -23.92
N ARG B 88 -1.68 -4.36 -23.39
CA ARG B 88 -2.94 -4.90 -23.86
C ARG B 88 -3.95 -4.68 -22.76
N SER B 89 -5.03 -3.98 -23.08
CA SER B 89 -6.05 -3.70 -22.07
C SER B 89 -7.41 -4.08 -22.62
N PRO B 90 -8.23 -4.74 -21.80
CA PRO B 90 -9.54 -5.17 -22.34
C PRO B 90 -10.44 -4.00 -22.74
N LEU B 91 -11.07 -4.12 -23.90
CA LEU B 91 -11.96 -3.08 -24.38
C LEU B 91 -13.23 -3.03 -23.55
N HIS B 92 -13.56 -4.15 -22.93
N HIS B 92 -13.54 -4.16 -22.93
CA HIS B 92 -14.76 -4.26 -22.11
CA HIS B 92 -14.75 -4.29 -22.14
C HIS B 92 -14.41 -4.92 -20.78
C HIS B 92 -14.41 -4.92 -20.79
N ALA B 93 -15.01 -4.43 -19.71
CA ALA B 93 -14.77 -5.04 -18.42
C ALA B 93 -16.04 -4.98 -17.58
N THR B 94 -16.01 -5.64 -16.44
CA THR B 94 -17.18 -5.72 -15.59
C THR B 94 -16.87 -5.02 -14.28
N ARG B 95 -17.75 -4.13 -13.84
CA ARG B 95 -17.56 -3.47 -12.55
C ARG B 95 -18.59 -4.00 -11.58
N GLU B 96 -18.11 -4.45 -10.42
CA GLU B 96 -18.96 -4.99 -9.37
C GLU B 96 -18.77 -4.22 -8.09
N ARG B 97 -19.87 -3.70 -7.54
CA ARG B 97 -19.80 -2.98 -6.28
C ARG B 97 -20.77 -3.61 -5.29
N TRP B 98 -20.29 -3.92 -4.10
CA TRP B 98 -21.09 -4.59 -3.09
C TRP B 98 -21.60 -3.60 -2.04
N PHE B 99 -22.79 -3.86 -1.51
CA PHE B 99 -23.32 -3.09 -0.40
C PHE B 99 -23.40 -4.00 0.81
N SER B 100 -22.83 -3.57 1.93
CA SER B 100 -22.92 -4.36 3.16
C SER B 100 -23.54 -3.50 4.23
N CYS B 101 -24.29 -4.12 5.13
CA CYS B 101 -24.94 -3.33 6.17
C CYS B 101 -23.99 -3.09 7.33
N SER B 102 -23.76 -1.81 7.58
CA SER B 102 -22.81 -1.36 8.58
C SER B 102 -23.55 -0.56 9.65
N SER B 103 -22.87 -0.26 10.75
CA SER B 103 -23.47 0.53 11.83
C SER B 103 -23.87 1.91 11.35
N SER B 104 -23.08 2.47 10.44
CA SER B 104 -23.30 3.81 9.92
C SER B 104 -24.63 3.93 9.16
N GLN B 105 -25.03 2.85 8.50
CA GLN B 105 -26.16 2.90 7.57
C GLN B 105 -27.45 2.30 8.13
N CYS B 106 -27.48 2.08 9.44
CA CYS B 106 -28.73 1.72 10.12
C CYS B 106 -29.76 2.81 9.90
N SER B 107 -30.98 2.43 9.53
CA SER B 107 -32.09 3.37 9.55
C SER B 107 -32.69 3.31 10.96
N GLY B 108 -33.25 4.42 11.43
CA GLY B 108 -33.86 4.43 12.74
C GLY B 108 -32.88 4.58 13.89
N TYR B 109 -33.39 4.44 15.11
CA TYR B 109 -32.62 4.72 16.32
C TYR B 109 -32.92 3.74 17.44
N SER B 110 -33.36 2.54 17.09
CA SER B 110 -33.53 1.48 18.09
C SER B 110 -32.28 0.62 18.08
N ARG B 111 -32.24 -0.40 18.93
CA ARG B 111 -31.09 -1.31 18.93
C ARG B 111 -31.22 -2.30 17.78
N LYS B 112 -32.35 -2.20 17.07
CA LYS B 112 -32.60 -3.00 15.88
C LYS B 112 -32.03 -2.30 14.65
N CYS B 113 -30.90 -2.82 14.15
CA CYS B 113 -30.21 -2.20 13.03
C CYS B 113 -30.36 -2.99 11.74
N ASP B 114 -30.92 -2.35 10.72
CA ASP B 114 -30.85 -2.86 9.37
C ASP B 114 -30.62 -1.69 8.42
N CYS B 115 -29.91 -1.93 7.32
CA CYS B 115 -29.59 -0.87 6.36
C CYS B 115 -30.47 -0.91 5.13
N GLN B 116 -31.75 -1.26 5.29
CA GLN B 116 -32.65 -1.41 4.16
C GLN B 116 -32.83 -0.11 3.39
N GLU B 117 -32.91 0.99 4.12
CA GLU B 117 -33.15 2.30 3.51
C GLU B 117 -32.00 2.70 2.57
N LYS B 118 -30.77 2.53 3.04
CA LYS B 118 -29.60 2.85 2.23
C LYS B 118 -29.39 1.79 1.15
N HIS B 119 -29.76 0.55 1.44
CA HIS B 119 -29.63 -0.53 0.47
C HIS B 119 -30.50 -0.26 -0.75
N GLU B 120 -31.75 0.17 -0.52
CA GLU B 120 -32.66 0.44 -1.63
C GLU B 120 -32.15 1.60 -2.48
N GLN B 121 -31.58 2.58 -1.81
CA GLN B 121 -30.94 3.72 -2.45
C GLN B 121 -29.84 3.26 -3.42
N PHE B 122 -28.96 2.42 -2.89
CA PHE B 122 -27.82 1.88 -3.63
C PHE B 122 -28.30 1.01 -4.79
N ARG B 123 -29.35 0.22 -4.55
CA ARG B 123 -29.92 -0.61 -5.61
C ARG B 123 -30.54 0.24 -6.71
N ASN B 124 -31.31 1.25 -6.31
CA ASN B 124 -31.93 2.17 -7.26
C ASN B 124 -30.90 2.97 -8.04
N LYS B 125 -29.80 3.32 -7.38
CA LYS B 125 -28.70 3.97 -8.09
C LYS B 125 -28.12 3.04 -9.16
N CYS B 126 -27.95 1.77 -8.80
CA CYS B 126 -27.47 0.77 -9.76
C CYS B 126 -28.35 0.73 -11.00
N TYR B 127 -29.66 0.63 -10.81
CA TYR B 127 -30.59 0.58 -11.94
C TYR B 127 -30.53 1.83 -12.80
N SER B 128 -30.47 2.98 -12.14
CA SER B 128 -30.49 4.26 -12.83
C SER B 128 -29.26 4.42 -13.71
N GLN B 129 -28.14 3.85 -13.25
CA GLN B 129 -26.89 3.94 -13.97
C GLN B 129 -26.73 2.85 -15.03
N GLY B 130 -27.77 2.05 -15.21
CA GLY B 130 -27.78 1.03 -16.25
C GLY B 130 -27.29 -0.35 -15.83
N GLY B 131 -27.00 -0.52 -14.54
CA GLY B 131 -26.46 -1.80 -14.08
C GLY B 131 -27.53 -2.83 -13.81
N GLN B 132 -27.08 -4.02 -13.42
CA GLN B 132 -28.00 -5.07 -12.99
C GLN B 132 -27.69 -5.34 -11.54
N TYR B 133 -28.72 -5.62 -10.76
CA TYR B 133 -28.52 -5.81 -9.34
C TYR B 133 -28.81 -7.23 -8.88
N SER B 134 -27.99 -7.71 -7.95
CA SER B 134 -28.16 -9.02 -7.35
C SER B 134 -28.37 -8.86 -5.86
N THR B 135 -29.60 -9.06 -5.40
CA THR B 135 -29.90 -8.93 -3.96
C THR B 135 -29.52 -10.21 -3.23
N GLN B 136 -28.64 -10.10 -2.23
CA GLN B 136 -28.11 -11.26 -1.54
C GLN B 136 -28.75 -11.42 -0.17
N SER B 137 -29.25 -10.31 0.37
CA SER B 137 -30.00 -10.36 1.62
C SER B 137 -30.95 -9.19 1.70
N SER B 138 -32.23 -9.45 1.45
CA SER B 138 -33.26 -8.41 1.46
C SER B 138 -33.34 -7.72 2.82
N LYS B 139 -33.21 -8.51 3.88
CA LYS B 139 -33.35 -7.97 5.23
C LYS B 139 -32.19 -7.05 5.58
N CYS B 140 -31.05 -7.27 4.93
CA CYS B 140 -29.90 -6.38 5.03
C CYS B 140 -29.63 -5.98 6.48
N ARG B 141 -29.35 -6.98 7.30
CA ARG B 141 -29.09 -6.75 8.71
C ARG B 141 -27.63 -6.39 8.92
N LEU B 142 -27.36 -5.76 10.06
CA LEU B 142 -26.00 -5.55 10.53
C LEU B 142 -25.12 -6.78 10.29
N GLY B 143 -23.99 -6.58 9.64
CA GLY B 143 -23.04 -7.67 9.40
C GLY B 143 -23.25 -8.45 8.11
N GLU B 144 -24.30 -8.11 7.36
CA GLU B 144 -24.64 -8.88 6.16
C GLU B 144 -24.18 -8.21 4.87
N LYS B 145 -23.80 -9.04 3.90
CA LYS B 145 -23.66 -8.59 2.51
C LYS B 145 -25.06 -8.55 1.90
N CYS B 146 -25.49 -7.35 1.50
CA CYS B 146 -26.86 -7.17 1.07
C CYS B 146 -27.08 -7.39 -0.41
N GLY B 147 -26.07 -7.10 -1.22
CA GLY B 147 -26.16 -7.35 -2.64
C GLY B 147 -25.07 -6.62 -3.39
N TYR B 148 -25.04 -6.80 -4.71
CA TYR B 148 -24.01 -6.15 -5.52
C TYR B 148 -24.58 -5.70 -6.86
N CYS B 149 -24.04 -4.59 -7.34
CA CYS B 149 -24.40 -4.03 -8.64
C CYS B 149 -23.37 -4.45 -9.68
N LYS B 150 -23.84 -4.87 -10.84
CA LYS B 150 -22.95 -5.26 -11.93
C LYS B 150 -23.14 -4.30 -13.10
N GLN B 151 -22.04 -3.73 -13.59
CA GLN B 151 -22.14 -2.89 -14.77
C GLN B 151 -21.14 -3.36 -15.82
N GLU B 152 -21.57 -3.40 -17.07
CA GLU B 152 -20.64 -3.68 -18.14
C GLU B 152 -20.11 -2.33 -18.62
N VAL B 153 -18.79 -2.16 -18.63
CA VAL B 153 -18.22 -0.87 -18.97
C VAL B 153 -17.17 -1.01 -20.05
N TYR B 154 -16.89 0.10 -20.72
CA TYR B 154 -16.07 0.09 -21.94
C TYR B 154 -14.90 1.05 -21.83
N LEU B 155 -13.70 0.56 -22.13
CA LEU B 155 -12.46 1.35 -22.02
C LEU B 155 -12.55 2.58 -22.89
N SER B 156 -12.32 3.74 -22.28
CA SER B 156 -12.33 5.01 -23.02
C SER B 156 -11.05 5.81 -22.82
N LYS B 157 -10.40 5.61 -21.67
CA LYS B 157 -9.19 6.35 -21.37
C LYS B 157 -8.18 5.41 -20.72
N LEU B 158 -7.01 5.27 -21.33
CA LEU B 158 -5.99 4.35 -20.84
C LEU B 158 -4.82 5.11 -20.28
N TYR B 159 -4.51 4.86 -19.01
CA TYR B 159 -3.41 5.53 -18.33
C TYR B 159 -2.23 4.58 -18.18
N LEU B 160 -1.08 5.00 -18.67
CA LEU B 160 0.16 4.22 -18.59
C LEU B 160 1.18 4.99 -17.75
N VAL B 161 2.07 4.28 -17.06
CA VAL B 161 3.06 4.95 -16.23
C VAL B 161 4.47 4.42 -16.48
N ALA B 162 5.43 5.33 -16.53
CA ALA B 162 6.83 4.93 -16.69
C ALA B 162 7.66 5.40 -15.49
N ALA B 163 8.63 4.58 -15.09
CA ALA B 163 9.52 4.88 -13.96
C ALA B 163 10.85 5.40 -14.47
N SER B 164 11.36 6.46 -13.83
CA SER B 164 12.67 7.03 -14.15
C SER B 164 13.77 6.15 -13.59
N ASP B 165 14.86 6.01 -14.35
CA ASP B 165 16.01 5.26 -13.84
C ASP B 165 17.01 6.20 -13.18
N GLY B 166 16.64 7.47 -13.07
CA GLY B 166 17.48 8.44 -12.39
C GLY B 166 18.63 8.94 -13.25
N LYS B 167 18.70 8.46 -14.49
CA LYS B 167 19.79 8.81 -15.39
C LYS B 167 19.31 9.44 -16.68
N GLY B 168 17.99 9.65 -16.80
CA GLY B 168 17.45 10.30 -17.97
C GLY B 168 16.67 9.38 -18.90
N GLU B 169 16.45 8.14 -18.47
CA GLU B 169 15.61 7.23 -19.24
C GLU B 169 14.56 6.59 -18.36
N TYR B 170 13.57 5.98 -19.01
CA TYR B 170 12.39 5.46 -18.32
C TYR B 170 12.08 4.05 -18.81
N ARG B 171 11.38 3.26 -18.00
CA ARG B 171 10.81 2.01 -18.51
C ARG B 171 9.43 1.84 -17.89
N GLU B 172 8.64 0.90 -18.39
CA GLU B 172 7.28 0.73 -17.86
C GLU B 172 7.32 0.53 -16.35
N SER B 173 6.42 1.21 -15.63
CA SER B 173 6.36 1.07 -14.19
C SER B 173 5.89 -0.33 -13.82
N THR B 174 6.45 -0.87 -12.75
CA THR B 174 5.98 -2.14 -12.22
C THR B 174 4.98 -1.87 -11.12
N GLN B 175 5.20 -0.78 -10.39
CA GLN B 175 4.36 -0.47 -9.24
C GLN B 175 3.05 0.19 -9.66
N TYR B 176 3.06 0.87 -10.81
CA TYR B 176 1.88 1.56 -11.30
C TYR B 176 1.46 1.03 -12.66
N GLN B 177 0.37 0.26 -12.69
CA GLN B 177 -0.17 -0.24 -13.95
C GLN B 177 -1.16 0.75 -14.55
N SER B 178 -1.52 1.76 -13.76
CA SER B 178 -2.35 2.87 -14.19
C SER B 178 -1.96 4.07 -13.38
N ALA B 179 -2.25 5.25 -13.89
CA ALA B 179 -2.06 6.49 -13.14
C ALA B 179 -3.21 6.78 -12.17
N LEU B 180 -4.32 6.07 -12.35
CA LEU B 180 -5.50 6.22 -11.50
C LEU B 180 -5.49 5.23 -10.36
N TYR B 181 -5.74 5.72 -9.15
CA TYR B 181 -6.01 4.87 -8.00
C TYR B 181 -7.11 3.87 -8.37
N SER B 182 -6.96 2.58 -8.05
CA SER B 182 -5.92 2.04 -7.17
C SER B 182 -4.72 1.43 -7.92
N PHE B 183 -4.49 1.88 -9.16
CA PHE B 183 -3.25 1.67 -9.90
C PHE B 183 -3.09 0.26 -10.48
N GLY B 184 -4.18 -0.49 -10.51
CA GLY B 184 -4.15 -1.81 -11.13
C GLY B 184 -4.31 -1.81 -12.64
N HIS B 185 -4.10 -2.98 -13.24
CA HIS B 185 -4.21 -3.17 -14.69
C HIS B 185 -5.54 -2.62 -15.21
N LEU B 186 -6.61 -2.88 -14.48
CA LEU B 186 -7.94 -2.52 -14.93
C LEU B 186 -8.44 -1.19 -14.39
N SER B 187 -7.59 -0.48 -13.63
CA SER B 187 -7.96 0.81 -13.04
C SER B 187 -7.88 1.91 -14.07
N GLN B 188 -8.79 1.85 -15.03
CA GLN B 188 -8.72 2.77 -16.17
C GLN B 188 -9.97 3.63 -16.26
N GLY B 189 -10.06 4.42 -17.32
CA GLY B 189 -11.23 5.25 -17.54
C GLY B 189 -12.23 4.51 -18.42
N TYR B 190 -13.49 4.46 -17.99
CA TYR B 190 -14.49 3.67 -18.68
C TYR B 190 -15.75 4.49 -18.89
N GLU B 191 -16.53 4.11 -19.90
CA GLU B 191 -17.88 4.64 -20.11
C GLU B 191 -18.89 3.48 -20.16
N ALA B 192 -20.17 3.82 -20.14
CA ALA B 192 -21.22 2.80 -20.09
C ALA B 192 -21.63 2.24 -21.44
N VAL B 193 -21.08 2.83 -22.51
CA VAL B 193 -21.42 2.42 -23.87
C VAL B 193 -20.16 2.12 -24.70
N PRO B 194 -20.32 1.34 -25.79
CA PRO B 194 -19.13 1.02 -26.61
C PRO B 194 -18.37 2.25 -27.12
N GLN B 195 -17.06 2.08 -27.28
CA GLN B 195 -16.18 3.14 -27.75
C GLN B 195 -15.56 2.76 -29.09
N ASP B 196 -15.22 3.73 -29.93
CA ASP B 196 -14.47 3.37 -31.12
C ASP B 196 -13.08 3.98 -31.12
N LYS B 197 -12.73 4.67 -30.05
CA LYS B 197 -11.36 5.15 -29.88
C LYS B 197 -11.05 5.32 -28.41
N VAL B 198 -9.78 5.19 -28.06
CA VAL B 198 -9.34 5.25 -26.68
C VAL B 198 -8.27 6.32 -26.50
N GLN B 199 -8.46 7.21 -25.52
CA GLN B 199 -7.45 8.20 -25.22
C GLN B 199 -6.35 7.57 -24.38
N VAL B 200 -5.12 7.57 -24.89
CA VAL B 200 -4.00 6.96 -24.17
C VAL B 200 -3.09 8.05 -23.62
N GLN B 201 -2.80 7.97 -22.33
CA GLN B 201 -1.90 8.95 -21.71
C GLN B 201 -0.78 8.26 -20.94
N LEU B 202 0.46 8.72 -21.16
CA LEU B 202 1.61 8.19 -20.44
C LEU B 202 2.15 9.22 -19.45
N TYR B 203 2.19 8.82 -18.18
CA TYR B 203 2.69 9.65 -17.08
C TYR B 203 4.03 9.12 -16.56
N SER B 204 4.83 9.96 -15.91
CA SER B 204 5.97 9.47 -15.12
C SER B 204 5.45 9.17 -13.71
N GLU B 205 6.12 8.26 -13.00
CA GLU B 205 5.69 7.85 -11.67
C GLU B 205 5.66 9.06 -10.75
N GLY B 206 6.61 9.94 -10.97
CA GLY B 206 6.71 11.14 -10.16
C GLY B 206 5.67 12.22 -10.38
N ASP B 207 4.76 12.05 -11.33
CA ASP B 207 3.82 13.12 -11.67
C ASP B 207 2.87 13.46 -10.52
N PRO B 208 2.67 14.76 -10.27
CA PRO B 208 1.70 15.17 -9.24
C PRO B 208 0.30 14.62 -9.46
N PHE B 209 -0.08 14.29 -10.70
CA PHE B 209 -1.37 13.66 -10.93
C PHE B 209 -1.45 12.33 -10.18
N ILE B 210 -0.37 11.56 -10.24
CA ILE B 210 -0.32 10.25 -9.60
C ILE B 210 -0.20 10.43 -8.10
N ALA B 211 0.63 11.39 -7.68
CA ALA B 211 0.78 11.68 -6.25
C ALA B 211 -0.55 12.08 -5.63
N LEU B 212 -1.32 12.88 -6.36
CA LEU B 212 -2.64 13.26 -5.90
C LEU B 212 -3.55 12.05 -5.79
N GLU B 213 -3.59 11.22 -6.85
CA GLU B 213 -4.37 9.99 -6.77
C GLU B 213 -3.98 9.18 -5.56
N ARG B 214 -2.68 9.06 -5.34
CA ARG B 214 -2.19 8.21 -4.25
C ARG B 214 -2.51 8.78 -2.89
N GLU B 215 -2.19 10.05 -2.68
CA GLU B 215 -2.32 10.60 -1.34
C GLU B 215 -3.77 10.90 -0.98
N THR B 216 -4.67 10.89 -1.95
CA THR B 216 -6.08 11.11 -1.66
C THR B 216 -6.93 9.86 -1.86
N MET B 217 -6.29 8.72 -2.10
CA MET B 217 -6.99 7.48 -2.43
C MET B 217 -8.05 7.69 -3.52
N GLY B 218 -7.68 8.44 -4.55
CA GLY B 218 -8.54 8.59 -5.72
C GLY B 218 -9.57 9.69 -5.59
N GLU B 219 -9.63 10.36 -4.45
CA GLU B 219 -10.68 11.34 -4.22
C GLU B 219 -10.43 12.68 -4.92
N GLY B 220 -9.17 13.06 -5.08
CA GLY B 220 -8.84 14.28 -5.81
C GLY B 220 -8.76 15.50 -4.91
N GLU B 221 -9.12 15.31 -3.65
CA GLU B 221 -9.09 16.36 -2.64
C GLU B 221 -8.72 15.77 -1.29
N PHE B 222 -8.16 16.58 -0.41
CA PHE B 222 -7.75 16.14 0.92
C PHE B 222 -8.82 16.43 1.97
#